data_5YBM
#
_entry.id   5YBM
#
_cell.length_a   172.834
_cell.length_b   172.834
_cell.length_c   44.705
_cell.angle_alpha   90.00
_cell.angle_beta   90.00
_cell.angle_gamma   120.00
#
_symmetry.space_group_name_H-M   'P 62'
#
loop_
_entity.id
_entity.type
_entity.pdbx_description
1 polymer PrhA
2 water water
#
_entity_poly.entity_id   1
_entity_poly.type   'polypeptide(L)'
_entity_poly.pdbx_seq_one_letter_code
;MGSSHHHHHHSSGLVPRGSHMPPRLQRFPATASADEIFAAFQEDGCVVIEGFISPEQVARFSQEVDPAMEKIPVEVTNNG
NSNDRTKRFSKCVIASPTFRNEIIESDLMHELCDRVFSKPGEGMGYHFNDNMVIEVQPGAPAQRLHRDQELYPWWNSMGP
AGPECVINFFCAVTPFTEENGATRLVPGSHLWPEFTQINERDCPQFGKIETVPAIMQPGDCYLMSGKVIHGAGHNATTTD
RRRALALAIIRRELRPMQAFSLSVPMKLAREMSERSQTMFGFRSSVQHCDVDMVHFWGNDGKDIAHHLGLISSA
;
_entity_poly.pdbx_strand_id   A,B
#
# COMPACT_ATOMS: atom_id res chain seq x y z
N LEU A 14 -15.63 -12.32 -39.77
CA LEU A 14 -15.15 -11.36 -40.76
C LEU A 14 -16.31 -10.63 -41.46
N VAL A 15 -16.04 -9.41 -41.89
CA VAL A 15 -17.08 -8.48 -42.33
C VAL A 15 -16.77 -8.08 -43.76
N PRO A 16 -17.74 -7.50 -44.48
CA PRO A 16 -17.48 -7.05 -45.86
C PRO A 16 -16.31 -6.07 -45.93
N ARG A 17 -15.59 -6.11 -47.05
CA ARG A 17 -14.53 -5.11 -47.27
C ARG A 17 -15.13 -3.70 -47.27
N GLY A 18 -14.42 -2.77 -46.63
CA GLY A 18 -14.87 -1.41 -46.45
C GLY A 18 -15.49 -1.13 -45.09
N SER A 19 -15.86 -2.17 -44.36
CA SER A 19 -16.36 -1.99 -43.01
C SER A 19 -15.28 -1.44 -42.11
N HIS A 20 -15.66 -0.55 -41.21
CA HIS A 20 -14.74 -0.10 -40.17
C HIS A 20 -14.35 -1.28 -39.28
N MET A 21 -13.06 -1.32 -38.90
CA MET A 21 -12.55 -2.37 -38.03
C MET A 21 -12.36 -1.84 -36.61
N PRO A 22 -13.05 -2.40 -35.62
CA PRO A 22 -12.89 -1.94 -34.24
C PRO A 22 -11.56 -2.39 -33.68
N PRO A 23 -11.15 -1.89 -32.50
CA PRO A 23 -9.80 -2.22 -32.00
C PRO A 23 -9.61 -3.70 -31.79
N ARG A 24 -8.37 -4.14 -31.91
CA ARG A 24 -8.03 -5.56 -31.83
C ARG A 24 -7.82 -5.97 -30.36
N LEU A 25 -8.53 -7.01 -29.94
CA LEU A 25 -8.32 -7.60 -28.61
C LEU A 25 -7.78 -9.01 -28.82
N GLN A 26 -6.46 -9.16 -28.70
CA GLN A 26 -5.82 -10.44 -28.97
C GLN A 26 -6.27 -11.53 -27.99
N ARG A 27 -6.19 -12.78 -28.45
CA ARG A 27 -6.66 -13.95 -27.69
C ARG A 27 -5.64 -15.10 -27.81
N PHE A 28 -5.40 -15.79 -26.70
CA PHE A 28 -4.48 -16.91 -26.68
C PHE A 28 -5.09 -18.03 -25.86
N PRO A 29 -4.79 -19.29 -26.21
CA PRO A 29 -5.13 -20.39 -25.32
C PRO A 29 -4.23 -20.41 -24.09
N ALA A 30 -4.79 -20.88 -22.97
CA ALA A 30 -4.06 -20.95 -21.70
C ALA A 30 -2.81 -21.80 -21.82
N THR A 31 -2.66 -22.55 -22.91
CA THR A 31 -1.49 -23.38 -23.19
C THR A 31 -0.43 -22.64 -23.99
N ALA A 32 -0.72 -21.46 -24.52
CA ALA A 32 0.29 -20.66 -25.20
C ALA A 32 1.39 -20.26 -24.20
N SER A 33 2.56 -19.89 -24.75
CA SER A 33 3.65 -19.47 -23.88
C SER A 33 3.26 -18.20 -23.17
N ALA A 34 3.60 -18.12 -21.88
CA ALA A 34 3.33 -16.90 -21.12
C ALA A 34 4.07 -15.70 -21.69
N ASP A 35 5.24 -15.91 -22.30
CA ASP A 35 5.96 -14.77 -22.86
C ASP A 35 5.20 -14.20 -24.05
N GLU A 36 4.54 -15.07 -24.85
CA GLU A 36 3.74 -14.61 -25.97
C GLU A 36 2.42 -13.98 -25.51
N ILE A 37 1.89 -14.41 -24.37
CA ILE A 37 0.75 -13.70 -23.77
C ILE A 37 1.21 -12.40 -23.10
N PHE A 38 2.36 -12.41 -22.44
CA PHE A 38 2.86 -11.16 -21.86
C PHE A 38 3.14 -10.15 -22.96
N ALA A 39 3.66 -10.61 -24.10
CA ALA A 39 3.95 -9.69 -25.21
C ALA A 39 2.70 -8.96 -25.66
N ALA A 40 1.56 -9.66 -25.74
CA ALA A 40 0.31 -9.00 -26.14
C ALA A 40 -0.23 -8.09 -25.05
N PHE A 41 -0.07 -8.50 -23.78
CA PHE A 41 -0.38 -7.60 -22.67
C PHE A 41 0.41 -6.29 -22.78
N GLN A 42 1.71 -6.37 -23.09
CA GLN A 42 2.53 -5.16 -23.21
C GLN A 42 2.06 -4.27 -24.35
N GLU A 43 1.72 -4.85 -25.51
CA GLU A 43 1.27 -4.04 -26.65
C GLU A 43 -0.02 -3.32 -26.35
N ASP A 44 -1.03 -4.03 -25.87
CA ASP A 44 -2.39 -3.54 -25.85
C ASP A 44 -2.89 -3.18 -24.47
N GLY A 45 -2.24 -3.66 -23.41
CA GLY A 45 -2.71 -3.46 -22.06
C GLY A 45 -3.70 -4.50 -21.58
N CYS A 46 -4.12 -5.41 -22.45
CA CYS A 46 -5.17 -6.38 -22.16
C CYS A 46 -5.06 -7.51 -23.17
N VAL A 47 -5.46 -8.71 -22.73
CA VAL A 47 -5.37 -9.90 -23.57
C VAL A 47 -6.33 -10.92 -23.01
N VAL A 48 -6.98 -11.68 -23.91
CA VAL A 48 -7.89 -12.76 -23.51
C VAL A 48 -7.11 -14.06 -23.45
N ILE A 49 -7.26 -14.78 -22.35
CA ILE A 49 -6.64 -16.09 -22.18
C ILE A 49 -7.78 -17.09 -22.21
N GLU A 50 -7.92 -17.80 -23.33
CA GLU A 50 -8.99 -18.79 -23.43
C GLU A 50 -8.63 -20.01 -22.60
N GLY A 51 -9.60 -20.54 -21.87
CA GLY A 51 -9.35 -21.71 -21.06
C GLY A 51 -8.47 -21.48 -19.85
N PHE A 52 -8.35 -20.22 -19.41
CA PHE A 52 -7.65 -19.93 -18.16
C PHE A 52 -8.12 -20.84 -17.04
N ILE A 53 -9.44 -21.04 -16.94
CA ILE A 53 -10.07 -21.99 -16.03
C ILE A 53 -10.74 -23.06 -16.88
N SER A 54 -10.77 -24.29 -16.37
CA SER A 54 -11.43 -25.34 -17.14
C SER A 54 -12.94 -25.23 -17.00
N PRO A 55 -13.69 -25.68 -18.01
CA PRO A 55 -15.15 -25.58 -17.94
C PRO A 55 -15.75 -26.30 -16.75
N GLU A 56 -15.10 -27.37 -16.30
CA GLU A 56 -15.55 -28.13 -15.14
C GLU A 56 -15.16 -27.44 -13.84
N GLN A 57 -14.00 -26.77 -13.80
CA GLN A 57 -13.62 -25.96 -12.65
C GLN A 57 -14.53 -24.74 -12.49
N VAL A 58 -14.85 -24.09 -13.61
CA VAL A 58 -15.75 -22.94 -13.58
C VAL A 58 -17.15 -23.34 -13.15
N ALA A 59 -17.66 -24.46 -13.69
CA ALA A 59 -18.96 -24.98 -13.26
C ALA A 59 -18.97 -25.32 -11.77
N ARG A 60 -17.94 -26.02 -11.28
CA ARG A 60 -17.88 -26.33 -9.86
C ARG A 60 -17.80 -25.07 -9.00
N PHE A 61 -17.03 -24.06 -9.44
CA PHE A 61 -16.92 -22.82 -8.68
C PHE A 61 -18.25 -22.08 -8.63
N SER A 62 -18.91 -21.92 -9.78
CA SER A 62 -20.23 -21.31 -9.81
C SER A 62 -21.21 -22.00 -8.86
N GLN A 63 -21.18 -23.33 -8.83
CA GLN A 63 -22.07 -24.07 -7.94
C GLN A 63 -21.67 -23.90 -6.48
N GLU A 64 -20.38 -23.77 -6.20
CA GLU A 64 -19.90 -23.69 -4.83
C GLU A 64 -20.16 -22.32 -4.18
N VAL A 65 -20.16 -21.24 -4.98
CA VAL A 65 -20.49 -19.93 -4.45
C VAL A 65 -21.97 -19.63 -4.55
N ASP A 66 -22.75 -20.49 -5.21
CA ASP A 66 -24.14 -20.17 -5.48
C ASP A 66 -25.00 -19.97 -4.23
N PRO A 67 -24.91 -20.79 -3.18
CA PRO A 67 -25.76 -20.55 -2.01
C PRO A 67 -25.50 -19.21 -1.33
N ALA A 68 -24.25 -18.74 -1.32
CA ALA A 68 -24.01 -17.41 -0.80
C ALA A 68 -24.60 -16.36 -1.72
N MET A 69 -24.48 -16.57 -3.04
CA MET A 69 -25.01 -15.59 -3.99
C MET A 69 -26.53 -15.52 -3.96
N GLU A 70 -27.20 -16.63 -3.62
CA GLU A 70 -28.65 -16.61 -3.46
C GLU A 70 -29.07 -15.66 -2.32
N LYS A 71 -28.29 -15.64 -1.24
CA LYS A 71 -28.64 -14.81 -0.09
C LYS A 71 -28.39 -13.31 -0.34
N ILE A 72 -27.55 -12.96 -1.30
CA ILE A 72 -27.34 -11.54 -1.61
C ILE A 72 -28.56 -11.01 -2.35
N PRO A 73 -29.18 -9.93 -1.90
CA PRO A 73 -30.26 -9.31 -2.68
C PRO A 73 -29.71 -8.45 -3.80
N VAL A 74 -30.53 -8.24 -4.82
CA VAL A 74 -30.18 -7.36 -5.93
C VAL A 74 -30.43 -5.91 -5.53
N GLU A 75 -29.38 -5.09 -5.54
CA GLU A 75 -29.50 -3.68 -5.22
C GLU A 75 -29.98 -2.93 -6.46
N VAL A 76 -31.14 -2.28 -6.35
CA VAL A 76 -31.71 -1.48 -7.43
C VAL A 76 -31.84 -0.03 -6.93
N THR A 77 -31.33 0.92 -7.72
CA THR A 77 -31.25 2.32 -7.30
C THR A 77 -31.74 3.24 -8.41
N ASN A 78 -31.90 4.52 -8.07
CA ASN A 78 -32.43 5.50 -9.00
C ASN A 78 -31.34 6.29 -9.73
N ASN A 79 -30.12 5.77 -9.77
CA ASN A 79 -29.04 6.37 -10.55
C ASN A 79 -28.33 5.30 -11.39
N ASN A 81 -26.03 3.42 -11.08
CA ASN A 81 -24.66 3.28 -10.58
C ASN A 81 -24.04 1.98 -11.08
N SER A 82 -22.80 1.70 -10.64
CA SER A 82 -22.14 0.45 -11.01
C SER A 82 -22.51 -0.71 -10.09
N ASN A 83 -23.08 -0.43 -8.93
CA ASN A 83 -23.70 -1.45 -8.10
C ASN A 83 -25.19 -1.58 -8.37
N ASP A 84 -25.70 -0.92 -9.40
CA ASP A 84 -27.10 -1.05 -9.80
C ASP A 84 -27.32 -2.42 -10.44
N ARG A 85 -28.19 -3.23 -9.83
CA ARG A 85 -28.50 -4.59 -10.30
C ARG A 85 -27.23 -5.44 -10.47
N THR A 86 -26.43 -5.50 -9.40
CA THR A 86 -25.16 -6.22 -9.41
C THR A 86 -24.92 -6.81 -8.02
N LYS A 87 -24.84 -8.14 -7.94
CA LYS A 87 -24.48 -8.83 -6.71
C LYS A 87 -22.96 -8.99 -6.63
N ARG A 88 -22.39 -8.69 -5.46
CA ARG A 88 -20.94 -8.72 -5.27
C ARG A 88 -20.61 -9.54 -4.02
N PHE A 89 -19.63 -10.42 -4.15
CA PHE A 89 -19.32 -11.37 -3.08
C PHE A 89 -17.83 -11.68 -3.12
N SER A 90 -17.13 -11.46 -1.99
CA SER A 90 -15.67 -11.53 -1.96
C SER A 90 -15.12 -12.67 -1.12
N LYS A 91 -15.95 -13.42 -0.41
CA LYS A 91 -15.46 -14.49 0.47
C LYS A 91 -15.32 -15.82 -0.27
N CYS A 92 -14.70 -15.79 -1.46
CA CYS A 92 -14.50 -16.98 -2.28
C CYS A 92 -13.63 -18.03 -1.62
N VAL A 93 -12.63 -17.64 -0.81
CA VAL A 93 -11.77 -18.62 -0.18
C VAL A 93 -12.54 -19.43 0.83
N ILE A 94 -13.41 -18.78 1.59
CA ILE A 94 -14.22 -19.48 2.57
C ILE A 94 -15.23 -20.37 1.88
N ALA A 95 -15.82 -19.88 0.78
CA ALA A 95 -16.98 -20.53 0.20
C ALA A 95 -16.61 -21.69 -0.71
N SER A 96 -15.58 -21.53 -1.53
CA SER A 96 -15.31 -22.42 -2.66
C SER A 96 -13.99 -23.17 -2.51
N PRO A 97 -14.01 -24.49 -2.31
CA PRO A 97 -12.74 -25.23 -2.30
C PRO A 97 -12.06 -25.28 -3.66
N THR A 98 -12.82 -25.27 -4.77
CA THR A 98 -12.18 -25.26 -6.07
C THR A 98 -11.48 -23.93 -6.31
N PHE A 99 -12.02 -22.82 -5.79
CA PHE A 99 -11.30 -21.55 -5.86
C PHE A 99 -10.01 -21.61 -5.07
N ARG A 100 -10.09 -21.99 -3.79
CA ARG A 100 -8.92 -21.92 -2.93
C ARG A 100 -7.90 -23.01 -3.19
N ASN A 101 -8.29 -24.10 -3.84
CA ASN A 101 -7.36 -25.20 -4.08
C ASN A 101 -6.85 -25.23 -5.51
N GLU A 102 -7.62 -24.73 -6.46
CA GLU A 102 -7.29 -24.86 -7.87
C GLU A 102 -7.17 -23.51 -8.58
N ILE A 103 -8.12 -22.61 -8.39
CA ILE A 103 -8.15 -21.38 -9.20
C ILE A 103 -6.99 -20.46 -8.81
N ILE A 104 -6.80 -20.22 -7.52
CA ILE A 104 -5.69 -19.35 -7.13
C ILE A 104 -4.34 -19.97 -7.38
N GLU A 105 -4.28 -21.29 -7.64
CA GLU A 105 -3.02 -21.99 -7.85
C GLU A 105 -2.63 -22.09 -9.32
N SER A 106 -3.19 -21.25 -10.18
CA SER A 106 -2.85 -21.22 -11.59
C SER A 106 -1.42 -20.76 -11.79
N ASP A 107 -0.56 -21.64 -12.33
CA ASP A 107 0.83 -21.26 -12.56
C ASP A 107 0.96 -20.20 -13.65
N LEU A 108 0.05 -20.21 -14.65
CA LEU A 108 0.07 -19.18 -15.67
C LEU A 108 -0.20 -17.82 -15.08
N MET A 109 -1.16 -17.74 -14.15
CA MET A 109 -1.47 -16.50 -13.45
C MET A 109 -0.25 -15.96 -12.72
N HIS A 110 0.45 -16.82 -11.98
CA HIS A 110 1.59 -16.39 -11.17
C HIS A 110 2.81 -16.05 -12.02
N GLU A 111 3.01 -16.73 -13.14
CA GLU A 111 4.10 -16.35 -14.02
C GLU A 111 3.88 -14.97 -14.60
N LEU A 112 2.63 -14.67 -15.01
CA LEU A 112 2.33 -13.35 -15.57
C LEU A 112 2.39 -12.28 -14.48
N CYS A 113 1.98 -12.62 -13.25
CA CYS A 113 2.13 -11.69 -12.12
C CYS A 113 3.60 -11.38 -11.85
N ASP A 114 4.48 -12.38 -11.95
CA ASP A 114 5.92 -12.16 -11.78
C ASP A 114 6.50 -11.28 -12.88
N ARG A 115 6.07 -11.49 -14.13
CA ARG A 115 6.54 -10.66 -15.24
C ARG A 115 6.13 -9.22 -15.08
N VAL A 116 4.98 -8.99 -14.43
CA VAL A 116 4.52 -7.63 -14.17
C VAL A 116 5.20 -7.04 -12.94
N PHE A 117 5.23 -7.80 -11.82
CA PHE A 117 5.43 -7.21 -10.51
C PHE A 117 6.74 -7.56 -9.81
N SER A 118 7.34 -8.71 -10.07
CA SER A 118 8.38 -9.23 -9.18
C SER A 118 9.76 -8.75 -9.59
N LYS A 119 10.52 -8.29 -8.62
CA LYS A 119 11.88 -7.85 -8.86
C LYS A 119 12.88 -8.96 -8.54
N PRO A 120 14.08 -8.91 -9.10
CA PRO A 120 15.06 -9.99 -8.86
C PRO A 120 15.54 -9.96 -7.42
N GLY A 121 15.68 -11.15 -6.84
CA GLY A 121 16.11 -11.26 -5.46
C GLY A 121 15.13 -10.78 -4.40
N GLU A 122 13.88 -10.53 -4.76
CA GLU A 122 12.90 -10.04 -3.79
C GLU A 122 11.73 -10.97 -3.54
N GLY A 123 11.55 -12.02 -4.34
CA GLY A 123 10.39 -12.86 -4.14
C GLY A 123 9.14 -12.27 -4.78
N MET A 124 7.98 -12.66 -4.25
CA MET A 124 6.70 -12.25 -4.82
C MET A 124 6.49 -10.76 -4.65
N GLY A 125 6.37 -10.04 -5.76
CA GLY A 125 6.19 -8.60 -5.67
C GLY A 125 4.75 -8.16 -5.65
N TYR A 126 3.81 -9.08 -5.39
CA TYR A 126 2.40 -8.84 -5.58
C TYR A 126 1.61 -9.61 -4.53
N HIS A 127 0.33 -9.25 -4.38
CA HIS A 127 -0.57 -9.98 -3.49
C HIS A 127 -1.99 -9.66 -3.95
N PHE A 128 -2.98 -10.23 -3.27
CA PHE A 128 -4.37 -10.04 -3.67
C PHE A 128 -4.91 -8.70 -3.18
N ASN A 129 -5.58 -7.99 -4.07
CA ASN A 129 -6.38 -6.85 -3.69
C ASN A 129 -7.79 -7.27 -3.31
N ASP A 130 -8.33 -8.27 -4.00
CA ASP A 130 -9.72 -8.70 -3.82
C ASP A 130 -9.91 -9.98 -4.62
N ASN A 131 -11.01 -10.70 -4.31
CA ASN A 131 -11.44 -11.90 -5.04
C ASN A 131 -12.96 -11.83 -5.23
N MET A 132 -13.45 -11.00 -6.13
CA MET A 132 -14.87 -10.69 -6.15
C MET A 132 -15.64 -11.51 -7.20
N VAL A 133 -16.74 -12.14 -6.78
CA VAL A 133 -17.72 -12.70 -7.71
C VAL A 133 -18.77 -11.64 -7.97
N ILE A 134 -19.07 -11.40 -9.24
CA ILE A 134 -20.06 -10.42 -9.67
C ILE A 134 -21.14 -11.14 -10.47
N GLU A 135 -22.39 -10.82 -10.21
CA GLU A 135 -23.49 -11.31 -11.03
C GLU A 135 -24.30 -10.12 -11.54
N VAL A 136 -24.09 -9.77 -12.79
CA VAL A 136 -24.77 -8.62 -13.39
C VAL A 136 -26.16 -9.05 -13.87
N GLN A 137 -27.19 -8.45 -13.28
CA GLN A 137 -28.56 -8.83 -13.58
C GLN A 137 -28.99 -8.34 -14.96
N PRO A 138 -30.01 -8.95 -15.54
CA PRO A 138 -30.63 -8.37 -16.73
C PRO A 138 -31.05 -6.92 -16.48
N GLY A 139 -30.72 -6.05 -17.42
CA GLY A 139 -31.11 -4.66 -17.36
C GLY A 139 -30.06 -3.73 -16.76
N ALA A 140 -29.04 -4.29 -16.12
CA ALA A 140 -28.06 -3.47 -15.42
C ALA A 140 -27.38 -2.50 -16.39
N PRO A 141 -27.19 -1.24 -16.00
CA PRO A 141 -26.63 -0.25 -16.93
C PRO A 141 -25.12 -0.40 -17.12
N ALA A 142 -24.59 0.38 -18.07
CA ALA A 142 -23.16 0.36 -18.39
C ALA A 142 -22.40 1.39 -17.56
N GLN A 143 -21.35 0.92 -16.88
CA GLN A 143 -20.56 1.77 -16.00
C GLN A 143 -19.68 2.74 -16.80
N ARG A 144 -19.39 3.90 -16.19
CA ARG A 144 -18.53 4.90 -16.82
C ARG A 144 -17.18 4.29 -17.22
N LEU A 145 -16.61 4.81 -18.30
CA LEU A 145 -15.24 4.44 -18.66
C LEU A 145 -14.27 4.94 -17.58
N HIS A 146 -13.34 4.07 -17.17
CA HIS A 146 -12.39 4.39 -16.11
C HIS A 146 -11.19 3.47 -16.22
N ARG A 147 -10.13 3.79 -15.48
CA ARG A 147 -9.00 2.90 -15.27
C ARG A 147 -9.08 2.32 -13.86
N ASP A 148 -8.64 1.07 -13.71
CA ASP A 148 -8.66 0.46 -12.37
C ASP A 148 -7.64 1.11 -11.43
N GLN A 149 -6.50 1.60 -11.94
CA GLN A 149 -5.55 2.24 -11.04
C GLN A 149 -6.06 3.54 -10.47
N GLU A 150 -7.24 4.02 -10.87
CA GLU A 150 -7.81 5.20 -10.24
C GLU A 150 -8.13 4.96 -8.76
N LEU A 151 -8.18 3.69 -8.33
CA LEU A 151 -8.31 3.35 -6.92
C LEU A 151 -7.14 3.91 -6.10
N TYR A 152 -5.95 3.96 -6.67
CA TYR A 152 -4.78 4.55 -6.05
C TYR A 152 -4.60 5.92 -6.69
N PRO A 153 -5.16 6.98 -6.09
CA PRO A 153 -5.51 8.18 -6.87
C PRO A 153 -4.34 8.90 -7.48
N TRP A 154 -3.14 8.76 -6.93
CA TRP A 154 -1.98 9.44 -7.49
C TRP A 154 -1.42 8.77 -8.73
N TRP A 155 -1.90 7.57 -9.09
CA TRP A 155 -1.16 6.73 -10.04
C TRP A 155 -1.24 7.31 -11.45
N ASN A 156 -2.40 7.88 -11.81
CA ASN A 156 -2.57 8.45 -13.15
C ASN A 156 -1.56 9.57 -13.41
N SER A 157 -1.17 10.28 -12.36
CA SER A 157 -0.26 11.40 -12.54
C SER A 157 1.11 10.97 -12.99
N MET A 158 1.44 9.68 -12.88
CA MET A 158 2.71 9.21 -13.42
C MET A 158 2.66 8.88 -14.91
N GLY A 159 1.47 8.86 -15.52
CA GLY A 159 1.34 8.64 -16.94
C GLY A 159 1.77 7.25 -17.35
N PRO A 160 1.87 7.00 -18.66
CA PRO A 160 2.26 5.66 -19.13
C PRO A 160 3.66 5.25 -18.74
N ALA A 161 4.51 6.20 -18.34
CA ALA A 161 5.84 5.84 -17.89
C ALA A 161 5.86 5.29 -16.47
N GLY A 162 4.74 5.37 -15.76
CA GLY A 162 4.66 4.85 -14.41
C GLY A 162 4.62 3.34 -14.37
N PRO A 163 4.95 2.77 -13.22
CA PRO A 163 4.86 1.31 -13.04
C PRO A 163 3.40 0.87 -12.89
N GLU A 164 3.20 -0.44 -12.83
CA GLU A 164 1.86 -1.00 -12.67
C GLU A 164 1.41 -0.90 -11.21
N CYS A 165 0.18 -0.41 -10.99
CA CYS A 165 -0.47 -0.47 -9.67
C CYS A 165 -1.13 -1.83 -9.45
N VAL A 166 -2.01 -2.22 -10.38
CA VAL A 166 -2.94 -3.33 -10.23
C VAL A 166 -3.10 -3.98 -11.59
N ILE A 167 -3.35 -5.29 -11.60
CA ILE A 167 -3.81 -6.01 -12.79
C ILE A 167 -5.00 -6.87 -12.41
N ASN A 168 -5.86 -7.13 -13.40
CA ASN A 168 -7.06 -7.93 -13.20
C ASN A 168 -7.08 -9.12 -14.15
N PHE A 169 -7.29 -10.32 -13.60
CA PHE A 169 -7.69 -11.49 -14.36
C PHE A 169 -9.21 -11.59 -14.21
N PHE A 170 -9.93 -11.11 -15.20
CA PHE A 170 -11.40 -11.05 -15.14
C PHE A 170 -11.95 -12.26 -15.87
N CYS A 171 -12.37 -13.26 -15.12
CA CYS A 171 -12.76 -14.55 -15.66
C CYS A 171 -14.26 -14.60 -15.95
N ALA A 172 -14.61 -15.23 -17.05
CA ALA A 172 -16.02 -15.47 -17.35
C ALA A 172 -16.46 -16.74 -16.62
N VAL A 173 -17.51 -16.63 -15.81
CA VAL A 173 -18.14 -17.79 -15.20
C VAL A 173 -19.35 -18.25 -16.01
N THR A 174 -20.18 -17.32 -16.47
CA THR A 174 -21.10 -17.56 -17.56
C THR A 174 -20.60 -16.80 -18.78
N PRO A 175 -21.20 -17.04 -19.95
CA PRO A 175 -20.72 -16.36 -21.16
C PRO A 175 -20.80 -14.84 -21.05
N PHE A 176 -19.82 -14.18 -21.70
CA PHE A 176 -19.82 -12.75 -21.90
C PHE A 176 -20.20 -12.49 -23.35
N THR A 177 -21.33 -11.83 -23.57
CA THR A 177 -21.77 -11.47 -24.92
C THR A 177 -21.83 -9.96 -25.04
N GLU A 178 -21.92 -9.47 -26.27
CA GLU A 178 -22.12 -8.04 -26.47
C GLU A 178 -23.42 -7.57 -25.84
N GLU A 179 -24.45 -8.42 -25.83
CA GLU A 179 -25.78 -8.04 -25.40
C GLU A 179 -26.00 -8.20 -23.91
N ASN A 180 -25.29 -9.12 -23.25
CA ASN A 180 -25.43 -9.28 -21.80
C ASN A 180 -24.45 -8.44 -20.99
N GLY A 181 -23.71 -7.54 -21.65
CA GLY A 181 -22.94 -6.53 -20.96
C GLY A 181 -21.46 -6.77 -20.84
N ALA A 182 -20.86 -7.55 -21.74
CA ALA A 182 -19.42 -7.85 -21.65
C ALA A 182 -18.63 -6.56 -21.57
N THR A 183 -17.57 -6.57 -20.74
CA THR A 183 -16.76 -5.39 -20.50
C THR A 183 -16.25 -4.78 -21.81
N ARG A 184 -16.37 -3.46 -21.93
CA ARG A 184 -15.87 -2.71 -23.08
C ARG A 184 -14.48 -2.17 -22.76
N LEU A 185 -13.48 -2.54 -23.56
CA LEU A 185 -12.08 -2.19 -23.34
C LEU A 185 -11.63 -1.15 -24.34
N VAL A 186 -10.58 -0.41 -23.99
CA VAL A 186 -9.90 0.49 -24.92
C VAL A 186 -8.45 0.01 -25.06
N PRO A 187 -8.13 -0.87 -26.00
CA PRO A 187 -6.74 -1.32 -26.14
C PRO A 187 -5.81 -0.16 -26.46
N GLY A 188 -4.62 -0.20 -25.86
CA GLY A 188 -3.62 0.82 -26.09
C GLY A 188 -3.83 2.10 -25.33
N SER A 189 -4.87 2.18 -24.49
CA SER A 189 -5.06 3.37 -23.67
C SER A 189 -4.10 3.42 -22.50
N HIS A 190 -3.38 2.32 -22.23
CA HIS A 190 -2.29 2.37 -21.26
C HIS A 190 -1.09 3.15 -21.78
N LEU A 191 -1.07 3.52 -23.08
CA LEU A 191 0.05 4.25 -23.69
C LEU A 191 -0.31 5.68 -24.10
N TRP A 192 -1.55 6.12 -23.87
CA TRP A 192 -1.90 7.52 -24.12
C TRP A 192 -0.97 8.44 -23.31
N PRO A 193 -0.56 9.57 -23.88
CA PRO A 193 0.46 10.39 -23.22
C PRO A 193 0.03 10.94 -21.88
N GLU A 194 -1.27 11.19 -21.68
CA GLU A 194 -1.74 11.71 -20.42
C GLU A 194 -2.86 10.82 -19.91
N PHE A 195 -2.86 10.58 -18.60
CA PHE A 195 -3.89 9.81 -17.90
C PHE A 195 -4.76 10.81 -17.14
N THR A 196 -5.95 11.07 -17.67
CA THR A 196 -6.95 11.88 -16.98
C THR A 196 -8.11 10.99 -16.58
N GLN A 197 -9.00 11.55 -15.77
CA GLN A 197 -10.30 10.91 -15.61
C GLN A 197 -11.13 11.07 -16.87
N ILE A 198 -12.03 10.13 -17.09
CA ILE A 198 -12.83 10.14 -18.32
C ILE A 198 -14.13 10.88 -17.99
N ASN A 199 -14.08 12.21 -18.09
CA ASN A 199 -15.28 13.03 -17.95
C ASN A 199 -15.24 14.16 -18.96
N GLU A 200 -16.38 14.85 -19.09
CA GLU A 200 -16.49 15.93 -20.07
C GLU A 200 -15.46 17.03 -19.78
N ARG A 201 -15.23 17.32 -18.50
CA ARG A 201 -14.32 18.40 -18.12
C ARG A 201 -12.87 18.01 -18.38
N ASP A 202 -12.49 16.78 -18.05
CA ASP A 202 -11.08 16.43 -18.04
C ASP A 202 -10.62 15.68 -19.27
N CYS A 203 -11.50 14.93 -19.93
CA CYS A 203 -11.06 14.09 -21.05
C CYS A 203 -11.46 14.73 -22.37
N PRO A 204 -10.50 15.07 -23.25
CA PRO A 204 -10.84 15.74 -24.50
C PRO A 204 -11.44 14.79 -25.52
N GLN A 205 -11.07 13.50 -25.43
CA GLN A 205 -11.64 12.46 -26.27
C GLN A 205 -13.05 12.07 -25.84
N PHE A 206 -13.66 12.81 -24.92
CA PHE A 206 -14.87 12.32 -24.25
C PHE A 206 -16.02 12.23 -25.22
N GLY A 207 -16.73 11.10 -25.19
CA GLY A 207 -17.74 10.78 -26.17
C GLY A 207 -17.20 10.15 -27.43
N LYS A 208 -15.90 10.28 -27.68
CA LYS A 208 -15.27 9.82 -28.91
C LYS A 208 -14.30 8.66 -28.66
N ILE A 209 -14.51 7.86 -27.62
CA ILE A 209 -13.57 6.79 -27.27
C ILE A 209 -14.17 5.47 -27.72
N GLU A 210 -13.51 4.85 -28.68
CA GLU A 210 -13.98 3.61 -29.26
C GLU A 210 -13.55 2.45 -28.39
N THR A 211 -14.48 1.54 -28.10
CA THR A 211 -14.25 0.39 -27.24
C THR A 211 -14.45 -0.90 -28.03
N VAL A 212 -14.18 -2.02 -27.39
CA VAL A 212 -14.34 -3.36 -27.98
C VAL A 212 -14.73 -4.32 -26.86
N PRO A 213 -15.83 -5.06 -26.99
CA PRO A 213 -16.26 -5.94 -25.89
C PRO A 213 -15.35 -7.15 -25.75
N ALA A 214 -15.30 -7.71 -24.54
CA ALA A 214 -14.49 -8.89 -24.26
C ALA A 214 -15.39 -10.12 -24.31
N ILE A 215 -15.63 -10.57 -25.54
CA ILE A 215 -16.47 -11.76 -25.78
C ILE A 215 -15.70 -12.99 -25.33
N MET A 216 -16.26 -13.72 -24.36
CA MET A 216 -15.54 -14.85 -23.78
C MET A 216 -16.50 -15.98 -23.48
N GLN A 217 -15.94 -17.18 -23.36
CA GLN A 217 -16.65 -18.37 -22.89
C GLN A 217 -16.25 -18.70 -21.46
N PRO A 218 -17.04 -19.51 -20.74
CA PRO A 218 -16.73 -19.79 -19.34
C PRO A 218 -15.35 -20.40 -19.17
N GLY A 219 -14.61 -19.87 -18.20
CA GLY A 219 -13.23 -20.23 -18.03
C GLY A 219 -12.26 -19.34 -18.77
N ASP A 220 -12.69 -18.64 -19.79
CA ASP A 220 -11.84 -17.61 -20.38
C ASP A 220 -11.66 -16.47 -19.38
N CYS A 221 -10.55 -15.76 -19.51
CA CYS A 221 -10.35 -14.53 -18.76
C CYS A 221 -9.68 -13.52 -19.67
N TYR A 222 -9.86 -12.24 -19.37
CA TYR A 222 -8.99 -11.23 -19.91
C TYR A 222 -8.10 -10.70 -18.81
N LEU A 223 -6.82 -10.54 -19.14
CA LEU A 223 -5.84 -9.95 -18.23
C LEU A 223 -5.73 -8.47 -18.60
N MET A 224 -6.02 -7.58 -17.64
CA MET A 224 -6.08 -6.16 -17.95
C MET A 224 -5.20 -5.37 -16.99
N SER A 225 -4.34 -4.53 -17.57
CA SER A 225 -3.56 -3.56 -16.82
C SER A 225 -4.47 -2.56 -16.12
N GLY A 226 -3.99 -2.02 -15.01
CA GLY A 226 -4.74 -0.96 -14.36
C GLY A 226 -4.70 0.35 -15.11
N LYS A 227 -3.91 0.44 -16.19
CA LYS A 227 -3.78 1.65 -16.96
C LYS A 227 -4.77 1.74 -18.11
N VAL A 228 -5.54 0.67 -18.37
CA VAL A 228 -6.40 0.58 -19.55
C VAL A 228 -7.79 1.08 -19.22
N ILE A 229 -8.33 1.95 -20.10
CA ILE A 229 -9.70 2.45 -19.97
C ILE A 229 -10.69 1.35 -20.32
N HIS A 230 -11.68 1.17 -19.47
CA HIS A 230 -12.67 0.11 -19.66
C HIS A 230 -13.95 0.54 -18.95
N GLY A 231 -14.98 -0.27 -19.12
CA GLY A 231 -16.23 -0.07 -18.41
C GLY A 231 -17.21 -1.17 -18.71
N ALA A 232 -17.94 -1.65 -17.71
CA ALA A 232 -18.91 -2.71 -17.95
C ALA A 232 -19.96 -2.25 -18.96
N GLY A 233 -20.39 -3.17 -19.79
CA GLY A 233 -21.44 -2.87 -20.73
C GLY A 233 -22.82 -3.08 -20.14
N HIS A 234 -23.81 -2.53 -20.84
CA HIS A 234 -25.21 -2.74 -20.49
C HIS A 234 -25.63 -4.18 -20.73
N ASN A 235 -26.23 -4.79 -19.71
CA ASN A 235 -26.86 -6.11 -19.85
C ASN A 235 -28.27 -5.90 -20.38
N ALA A 236 -28.40 -5.96 -21.70
CA ALA A 236 -29.67 -5.66 -22.37
C ALA A 236 -30.61 -6.86 -22.44
N THR A 237 -30.24 -7.99 -21.85
CA THR A 237 -31.01 -9.20 -22.05
C THR A 237 -32.26 -9.22 -21.19
N THR A 238 -33.07 -10.23 -21.45
CA THR A 238 -34.26 -10.50 -20.66
C THR A 238 -33.96 -11.45 -19.51
N THR A 239 -33.04 -12.40 -19.69
CA THR A 239 -32.87 -13.48 -18.73
C THR A 239 -31.41 -13.79 -18.33
N ASP A 240 -30.42 -13.13 -18.92
CA ASP A 240 -29.02 -13.52 -18.76
C ASP A 240 -28.43 -12.86 -17.51
N ARG A 241 -28.16 -13.65 -16.47
CA ARG A 241 -27.52 -13.17 -15.26
C ARG A 241 -26.03 -13.50 -15.37
N ARG A 242 -25.25 -12.51 -15.82
CA ARG A 242 -23.86 -12.74 -16.23
C ARG A 242 -22.90 -12.72 -15.03
N ARG A 243 -22.27 -13.85 -14.75
CA ARG A 243 -21.35 -14.00 -13.63
C ARG A 243 -19.90 -13.81 -14.09
N ALA A 244 -19.11 -13.21 -13.21
CA ALA A 244 -17.69 -12.98 -13.44
C ALA A 244 -16.93 -13.18 -12.14
N LEU A 245 -15.67 -13.61 -12.25
CA LEU A 245 -14.74 -13.70 -11.13
C LEU A 245 -13.55 -12.80 -11.42
N ALA A 246 -13.40 -11.74 -10.61
CA ALA A 246 -12.31 -10.78 -10.73
C ALA A 246 -11.22 -11.12 -9.74
N LEU A 247 -10.09 -11.60 -10.23
CA LEU A 247 -8.90 -11.81 -9.42
C LEU A 247 -8.03 -10.55 -9.57
N ALA A 248 -8.10 -9.67 -8.58
CA ALA A 248 -7.46 -8.36 -8.64
C ALA A 248 -6.17 -8.41 -7.83
N ILE A 249 -5.05 -8.09 -8.48
CA ILE A 249 -3.72 -8.33 -7.93
C ILE A 249 -2.97 -7.00 -7.95
N ILE A 250 -2.41 -6.63 -6.79
CA ILE A 250 -1.72 -5.35 -6.59
C ILE A 250 -0.28 -5.61 -6.19
N ARG A 251 0.53 -4.56 -6.24
CA ARG A 251 1.89 -4.76 -5.81
C ARG A 251 2.02 -4.77 -4.29
N ARG A 252 3.15 -5.33 -3.84
CA ARG A 252 3.41 -5.63 -2.45
C ARG A 252 3.19 -4.42 -1.55
N GLU A 253 3.49 -3.22 -2.05
CA GLU A 253 3.50 -2.04 -1.21
C GLU A 253 2.15 -1.34 -1.13
N LEU A 254 1.11 -1.87 -1.77
CA LEU A 254 -0.21 -1.28 -1.78
C LEU A 254 -1.17 -2.06 -0.88
N ARG A 255 -2.16 -1.34 -0.32
CA ARG A 255 -3.09 -1.92 0.65
C ARG A 255 -4.20 -2.69 -0.05
N PRO A 256 -4.55 -3.87 0.45
CA PRO A 256 -5.67 -4.62 -0.12
C PRO A 256 -7.00 -4.04 0.30
N MET A 257 -7.98 -4.19 -0.59
CA MET A 257 -9.32 -3.76 -0.24
C MET A 257 -10.08 -4.75 0.62
N GLN A 258 -9.56 -5.96 0.78
CA GLN A 258 -10.11 -6.92 1.72
C GLN A 258 -9.06 -7.25 2.75
N ALA A 259 -9.48 -7.40 4.00
CA ALA A 259 -8.60 -7.84 5.09
C ALA A 259 -8.62 -9.36 5.22
N PHE A 260 -8.14 -10.04 4.18
CA PHE A 260 -8.26 -11.49 4.09
C PHE A 260 -7.62 -12.18 5.29
N SER A 261 -6.46 -11.71 5.73
CA SER A 261 -5.76 -12.39 6.81
C SER A 261 -6.50 -12.28 8.13
N LEU A 262 -7.46 -11.36 8.24
CA LEU A 262 -8.27 -11.23 9.44
C LEU A 262 -9.66 -11.85 9.30
N SER A 263 -10.11 -12.20 8.09
CA SER A 263 -11.41 -12.83 7.95
C SER A 263 -11.36 -14.27 7.45
N VAL A 264 -10.30 -14.65 6.74
CA VAL A 264 -10.14 -16.05 6.34
C VAL A 264 -9.64 -16.84 7.56
N PRO A 265 -10.24 -17.99 7.84
CA PRO A 265 -9.87 -18.76 9.04
C PRO A 265 -8.48 -19.36 8.93
N MET A 266 -7.80 -19.43 10.08
CA MET A 266 -6.47 -20.04 10.11
C MET A 266 -6.47 -21.49 9.66
N LYS A 267 -7.62 -22.19 9.78
CA LYS A 267 -7.72 -23.55 9.27
C LYS A 267 -7.48 -23.59 7.77
N LEU A 268 -8.05 -22.64 7.03
CA LEU A 268 -7.79 -22.50 5.60
C LEU A 268 -6.40 -21.95 5.32
N ALA A 269 -5.89 -21.08 6.19
CA ALA A 269 -4.53 -20.57 6.01
C ALA A 269 -3.52 -21.71 6.07
N ARG A 270 -3.68 -22.62 7.03
CA ARG A 270 -2.72 -23.71 7.19
C ARG A 270 -2.76 -24.70 6.03
N GLU A 271 -3.86 -24.76 5.28
CA GLU A 271 -3.95 -25.66 4.14
C GLU A 271 -3.50 -25.02 2.83
N MET A 272 -3.03 -23.77 2.85
CA MET A 272 -2.60 -23.07 1.64
C MET A 272 -1.11 -23.30 1.36
N SER A 273 -0.76 -23.17 0.07
CA SER A 273 0.64 -23.18 -0.32
C SER A 273 1.30 -21.87 0.10
N GLU A 274 2.64 -21.84 0.05
CA GLU A 274 3.34 -20.68 0.57
C GLU A 274 3.07 -19.45 -0.26
N ARG A 275 2.89 -19.61 -1.57
CA ARG A 275 2.57 -18.43 -2.36
C ARG A 275 1.13 -17.98 -2.15
N SER A 276 0.23 -18.86 -1.74
CA SER A 276 -1.13 -18.42 -1.47
C SER A 276 -1.22 -17.72 -0.12
N GLN A 277 -0.46 -18.20 0.88
CA GLN A 277 -0.35 -17.48 2.14
C GLN A 277 0.14 -16.06 1.89
N THR A 278 1.17 -15.91 1.06
CA THR A 278 1.68 -14.58 0.72
C THR A 278 0.58 -13.71 0.09
N MET A 279 -0.22 -14.29 -0.82
CA MET A 279 -1.26 -13.52 -1.51
C MET A 279 -2.30 -12.95 -0.56
N PHE A 280 -2.54 -13.62 0.57
CA PHE A 280 -3.60 -13.23 1.49
C PHE A 280 -3.08 -12.59 2.76
N GLY A 281 -1.76 -12.44 2.91
CA GLY A 281 -1.21 -11.81 4.08
C GLY A 281 -1.03 -12.73 5.25
N PHE A 282 -0.96 -14.03 5.03
CA PHE A 282 -0.56 -14.95 6.08
C PHE A 282 0.94 -15.15 6.11
N ARG A 283 1.67 -14.53 5.18
CA ARG A 283 3.12 -14.61 5.09
C ARG A 283 3.63 -13.29 4.52
N SER A 284 4.86 -12.93 4.86
CA SER A 284 5.45 -11.66 4.47
C SER A 284 6.14 -11.77 3.12
N SER A 285 6.51 -10.60 2.58
CA SER A 285 7.38 -10.53 1.41
C SER A 285 8.57 -9.61 1.72
N VAL A 286 9.74 -9.97 1.18
CA VAL A 286 11.00 -9.27 1.43
C VAL A 286 11.26 -8.30 0.29
N GLN A 287 11.34 -7.01 0.61
CA GLN A 287 11.75 -5.98 -0.34
C GLN A 287 13.22 -5.62 -0.10
N HIS A 288 13.92 -5.26 -1.18
CA HIS A 288 15.30 -4.80 -1.08
C HIS A 288 15.31 -3.31 -1.32
N CYS A 289 15.76 -2.56 -0.32
CA CYS A 289 15.85 -1.11 -0.37
C CYS A 289 17.30 -0.76 -0.06
N ASP A 290 18.12 -0.68 -1.11
CA ASP A 290 19.52 -0.32 -0.99
C ASP A 290 20.25 -1.06 0.14
N ASP A 292 19.91 -3.27 2.42
CA ASP A 292 18.79 -3.51 3.34
C ASP A 292 17.67 -4.38 2.74
N MET A 293 17.38 -5.50 3.40
CA MET A 293 16.24 -6.33 3.08
C MET A 293 15.12 -5.96 4.06
N VAL A 294 13.99 -5.48 3.53
CA VAL A 294 12.89 -5.00 4.34
C VAL A 294 11.69 -5.91 4.14
N HIS A 295 11.18 -6.46 5.23
CA HIS A 295 9.89 -7.15 5.20
C HIS A 295 8.76 -6.14 5.06
N PHE A 296 7.94 -6.29 4.04
CA PHE A 296 6.61 -5.71 4.08
C PHE A 296 5.68 -6.69 4.80
N TRP A 297 4.80 -6.16 5.66
CA TRP A 297 3.82 -6.96 6.39
C TRP A 297 4.50 -8.02 7.26
N GLY A 298 5.52 -7.60 8.02
CA GLY A 298 6.31 -8.50 8.84
C GLY A 298 6.03 -8.38 10.33
N ASN A 299 6.95 -8.94 11.13
CA ASN A 299 6.81 -8.94 12.59
C ASN A 299 8.19 -8.75 13.25
N ASP A 300 8.57 -7.49 13.43
CA ASP A 300 9.77 -7.13 14.22
C ASP A 300 11.02 -7.85 13.68
N GLY A 301 11.15 -7.91 12.35
CA GLY A 301 12.28 -8.53 11.71
C GLY A 301 12.08 -9.95 11.22
N LYS A 302 10.93 -10.56 11.48
CA LYS A 302 10.66 -11.92 11.06
C LYS A 302 9.45 -11.95 10.15
N ASP A 303 9.34 -13.05 9.41
CA ASP A 303 8.11 -13.31 8.69
C ASP A 303 6.96 -13.39 9.68
N ILE A 304 5.81 -12.81 9.32
CA ILE A 304 4.63 -12.95 10.15
C ILE A 304 4.17 -14.40 10.20
N ALA A 305 4.58 -15.21 9.22
CA ALA A 305 4.22 -16.62 9.18
C ALA A 305 4.74 -17.39 10.40
N HIS A 306 5.91 -17.04 10.94
CA HIS A 306 6.40 -17.65 12.17
C HIS A 306 5.36 -17.55 13.29
N HIS A 307 4.96 -16.33 13.61
CA HIS A 307 3.99 -16.07 14.67
C HIS A 307 2.68 -16.81 14.43
N LEU A 308 2.19 -16.85 13.20
CA LEU A 308 0.94 -17.54 12.93
C LEU A 308 1.08 -19.06 12.93
N GLY A 309 2.30 -19.58 13.12
CA GLY A 309 2.53 -21.01 13.12
C GLY A 309 2.51 -21.66 11.76
N LEU A 310 2.93 -20.97 10.72
CA LEU A 310 2.84 -21.48 9.37
C LEU A 310 4.19 -21.88 8.81
N ILE A 311 5.25 -21.84 9.60
CA ILE A 311 6.56 -22.21 9.07
C ILE A 311 7.04 -23.56 9.61
N GLY B 13 21.22 39.00 12.66
CA GLY B 13 20.13 38.29 13.31
C GLY B 13 20.49 36.87 13.72
N LEU B 14 20.26 35.92 12.82
CA LEU B 14 20.48 34.50 13.06
C LEU B 14 21.91 34.06 12.77
N VAL B 15 22.39 34.29 11.48
CA VAL B 15 23.78 34.16 11.10
C VAL B 15 24.44 35.53 11.08
N PRO B 16 25.74 35.63 11.37
CA PRO B 16 26.42 36.93 11.30
C PRO B 16 26.19 37.60 9.96
N ARG B 17 25.87 38.89 10.00
CA ARG B 17 25.59 39.63 8.78
C ARG B 17 26.68 39.36 7.76
N GLY B 18 26.28 38.96 6.56
CA GLY B 18 27.21 38.71 5.50
C GLY B 18 27.55 37.26 5.30
N SER B 19 27.28 36.41 6.29
CA SER B 19 27.70 35.03 6.18
C SER B 19 26.63 34.23 5.43
N HIS B 20 27.08 33.12 4.86
CA HIS B 20 26.15 32.11 4.37
C HIS B 20 25.25 31.65 5.50
N MET B 21 23.94 31.62 5.25
CA MET B 21 22.99 31.11 6.24
C MET B 21 22.70 29.64 5.97
N PRO B 22 23.02 28.75 6.89
CA PRO B 22 22.83 27.32 6.64
C PRO B 22 21.37 26.94 6.85
N PRO B 23 21.00 25.67 6.67
CA PRO B 23 19.61 25.29 6.94
C PRO B 23 19.38 25.20 8.44
N ARG B 24 18.15 25.50 8.85
CA ARG B 24 17.82 25.39 10.27
C ARG B 24 16.42 24.83 10.42
N LEU B 25 16.20 24.26 11.60
CA LEU B 25 14.97 23.58 11.98
C LEU B 25 14.17 24.51 12.86
N GLN B 26 12.96 24.86 12.42
CA GLN B 26 12.06 25.58 13.31
C GLN B 26 11.62 24.66 14.44
N ARG B 27 11.43 25.27 15.62
CA ARG B 27 11.05 24.58 16.84
C ARG B 27 9.78 25.19 17.40
N PHE B 28 8.89 24.34 17.86
CA PHE B 28 7.66 24.81 18.48
C PHE B 28 7.44 24.01 19.75
N PRO B 29 6.83 24.61 20.76
CA PRO B 29 6.34 23.80 21.89
C PRO B 29 5.16 22.96 21.44
N ALA B 30 4.91 21.87 22.17
CA ALA B 30 3.79 21.02 21.79
C ALA B 30 2.44 21.68 22.05
N THR B 31 2.41 22.79 22.79
CA THR B 31 1.18 23.54 23.04
C THR B 31 0.92 24.58 21.97
N ALA B 32 1.70 24.57 20.89
CA ALA B 32 1.50 25.51 19.80
C ALA B 32 0.37 25.06 18.89
N SER B 33 -0.14 26.00 18.10
CA SER B 33 -1.17 25.69 17.12
C SER B 33 -0.67 24.62 16.15
N ALA B 34 -1.50 23.61 15.90
CA ALA B 34 -1.20 22.68 14.82
C ALA B 34 -1.08 23.40 13.48
N ASP B 35 -1.72 24.56 13.35
CA ASP B 35 -1.61 25.31 12.11
C ASP B 35 -0.25 25.99 12.00
N GLU B 36 0.29 26.44 13.14
CA GLU B 36 1.63 27.05 13.18
C GLU B 36 2.71 26.01 12.96
N ILE B 37 2.54 24.80 13.51
CA ILE B 37 3.48 23.71 13.27
C ILE B 37 3.37 23.23 11.82
N PHE B 38 2.15 23.17 11.28
CA PHE B 38 1.97 22.67 9.92
C PHE B 38 2.51 23.63 8.86
N ALA B 39 2.44 24.93 9.12
CA ALA B 39 3.04 25.89 8.20
C ALA B 39 4.55 25.68 8.12
N ALA B 40 5.19 25.46 9.26
CA ALA B 40 6.62 25.19 9.29
C ALA B 40 6.94 23.92 8.51
N PHE B 41 6.21 22.83 8.82
CA PHE B 41 6.32 21.56 8.11
C PHE B 41 6.20 21.73 6.60
N GLN B 42 5.26 22.56 6.15
CA GLN B 42 5.12 22.79 4.72
C GLN B 42 6.29 23.59 4.16
N GLU B 43 6.78 24.60 4.88
CA GLU B 43 7.89 25.41 4.37
C GLU B 43 9.18 24.60 4.26
N ASP B 44 9.54 23.88 5.33
CA ASP B 44 10.84 23.23 5.44
C ASP B 44 10.81 21.72 5.25
N GLY B 45 9.65 21.07 5.36
CA GLY B 45 9.58 19.62 5.29
C GLY B 45 9.83 18.88 6.59
N CYS B 46 10.17 19.61 7.65
CA CYS B 46 10.42 19.02 8.95
C CYS B 46 10.35 20.14 9.98
N VAL B 47 10.06 19.77 11.21
CA VAL B 47 9.90 20.74 12.28
C VAL B 47 10.05 20.00 13.59
N VAL B 48 10.65 20.66 14.57
CA VAL B 48 10.77 20.10 15.90
C VAL B 48 9.54 20.48 16.70
N ILE B 49 9.02 19.53 17.46
CA ILE B 49 7.95 19.76 18.41
C ILE B 49 8.51 19.44 19.79
N GLU B 50 8.77 20.49 20.58
CA GLU B 50 9.37 20.30 21.89
C GLU B 50 8.31 19.83 22.87
N GLY B 51 8.62 18.75 23.59
CA GLY B 51 7.66 18.20 24.53
C GLY B 51 6.49 17.47 23.90
N PHE B 52 6.69 16.88 22.73
CA PHE B 52 5.67 16.03 22.10
C PHE B 52 5.20 14.94 23.05
N ILE B 53 6.12 14.38 23.83
CA ILE B 53 5.80 13.41 24.86
C ILE B 53 6.28 13.97 26.19
N SER B 54 5.48 13.82 27.22
CA SER B 54 5.83 14.39 28.51
C SER B 54 7.03 13.67 29.12
N PRO B 55 7.82 14.38 29.93
CA PRO B 55 8.96 13.73 30.61
C PRO B 55 8.60 12.49 31.40
N GLU B 56 7.46 12.47 32.10
CA GLU B 56 7.10 11.29 32.87
C GLU B 56 6.78 10.11 31.97
N GLN B 57 6.07 10.33 30.86
CA GLN B 57 5.69 9.22 30.00
C GLN B 57 6.87 8.71 29.18
N VAL B 58 7.75 9.62 28.73
CA VAL B 58 8.99 9.22 28.06
C VAL B 58 9.82 8.30 28.94
N ALA B 59 9.96 8.65 30.21
CA ALA B 59 10.74 7.84 31.13
C ALA B 59 10.07 6.49 31.35
N ARG B 60 8.74 6.47 31.50
CA ARG B 60 8.06 5.20 31.70
C ARG B 60 8.14 4.32 30.45
N PHE B 61 8.14 4.94 29.27
CA PHE B 61 8.26 4.16 28.04
C PHE B 61 9.64 3.52 27.95
N SER B 62 10.72 4.29 28.14
CA SER B 62 12.07 3.73 28.08
C SER B 62 12.20 2.54 29.01
N GLN B 63 11.70 2.67 30.25
CA GLN B 63 11.81 1.58 31.21
C GLN B 63 10.98 0.37 30.79
N GLU B 64 9.87 0.60 30.08
CA GLU B 64 9.01 -0.50 29.66
C GLU B 64 9.58 -1.27 28.47
N VAL B 65 10.37 -0.60 27.62
CA VAL B 65 10.98 -1.28 26.48
C VAL B 65 12.40 -1.76 26.76
N ASP B 66 13.06 -1.23 27.81
CA ASP B 66 14.40 -1.65 28.20
C ASP B 66 14.61 -3.16 28.23
N PRO B 67 13.72 -3.97 28.80
CA PRO B 67 13.95 -5.41 28.73
C PRO B 67 13.86 -5.96 27.32
N ALA B 68 13.03 -5.37 26.45
CA ALA B 68 13.03 -5.79 25.05
C ALA B 68 14.32 -5.38 24.37
N MET B 69 14.84 -4.21 24.71
CA MET B 69 16.07 -3.73 24.10
C MET B 69 17.28 -4.50 24.60
N GLU B 70 17.20 -5.10 25.78
CA GLU B 70 18.34 -5.82 26.34
C GLU B 70 18.57 -7.14 25.63
N LYS B 71 17.50 -7.78 25.18
CA LYS B 71 17.53 -9.07 24.52
C LYS B 71 17.82 -8.96 23.03
N ILE B 72 18.25 -7.80 22.55
CA ILE B 72 18.57 -7.56 21.15
C ILE B 72 20.09 -7.52 21.03
N PRO B 73 20.71 -8.42 20.28
CA PRO B 73 22.17 -8.39 20.13
C PRO B 73 22.65 -7.29 19.19
N VAL B 74 23.87 -6.82 19.45
CA VAL B 74 24.49 -5.73 18.71
C VAL B 74 25.38 -6.29 17.60
N GLU B 75 25.03 -6.01 16.35
CA GLU B 75 25.85 -6.38 15.19
C GLU B 75 26.99 -5.38 15.02
N VAL B 76 28.17 -5.88 14.69
CA VAL B 76 29.31 -5.04 14.32
C VAL B 76 29.80 -5.58 12.98
N THR B 77 29.28 -5.01 11.88
CA THR B 77 29.43 -5.62 10.57
C THR B 77 30.26 -4.81 9.60
N ASN B 78 30.26 -3.48 9.70
CA ASN B 78 30.88 -2.59 8.71
C ASN B 78 30.35 -2.83 7.30
N ASN B 79 29.10 -3.28 7.19
CA ASN B 79 28.53 -3.56 5.89
C ASN B 79 27.70 -2.41 5.36
N GLY B 80 27.56 -1.33 6.11
CA GLY B 80 26.85 -0.16 5.62
C GLY B 80 25.34 -0.21 5.69
N ASN B 81 24.75 -1.29 6.21
CA ASN B 81 23.30 -1.34 6.31
C ASN B 81 22.84 -0.70 7.62
N SER B 82 21.52 -0.60 7.77
CA SER B 82 20.93 0.18 8.86
C SER B 82 20.91 -0.55 10.20
N ASN B 83 21.45 -1.77 10.27
CA ASN B 83 21.49 -2.54 11.51
C ASN B 83 22.89 -2.67 12.11
N ASP B 84 23.90 -2.03 11.53
CA ASP B 84 25.26 -2.09 12.08
C ASP B 84 25.34 -1.21 13.32
N ARG B 85 25.45 -1.84 14.49
CA ARG B 85 25.50 -1.14 15.78
C ARG B 85 24.27 -0.26 16.01
N THR B 86 23.12 -0.72 15.53
CA THR B 86 21.84 -0.03 15.67
C THR B 86 20.77 -1.04 16.07
N LYS B 87 20.19 -0.89 17.26
CA LYS B 87 19.09 -1.75 17.68
C LYS B 87 17.77 -1.21 17.14
N ARG B 88 16.90 -2.11 16.69
CA ARG B 88 15.61 -1.78 16.10
C ARG B 88 14.56 -2.70 16.71
N PHE B 89 13.45 -2.15 17.16
CA PHE B 89 12.45 -2.92 17.90
C PHE B 89 11.07 -2.36 17.61
N SER B 90 10.16 -3.21 17.12
CA SER B 90 8.87 -2.73 16.63
C SER B 90 7.66 -3.16 17.44
N LYS B 91 7.85 -3.88 18.54
CA LYS B 91 6.70 -4.35 19.32
C LYS B 91 6.38 -3.42 20.50
N CYS B 92 6.25 -2.11 20.25
CA CYS B 92 6.03 -1.16 21.34
C CYS B 92 4.65 -1.32 21.98
N VAL B 93 3.61 -1.57 21.17
CA VAL B 93 2.27 -1.76 21.73
C VAL B 93 2.28 -2.88 22.75
N ILE B 94 2.84 -4.03 22.36
CA ILE B 94 2.88 -5.20 23.23
C ILE B 94 3.70 -4.93 24.49
N ALA B 95 4.82 -4.21 24.36
CA ALA B 95 5.75 -4.06 25.46
C ALA B 95 5.40 -2.91 26.41
N SER B 96 4.84 -1.82 25.92
CA SER B 96 4.69 -0.60 26.73
C SER B 96 3.23 -0.23 26.93
N PRO B 97 2.70 -0.32 28.16
CA PRO B 97 1.39 0.30 28.43
C PRO B 97 1.38 1.78 28.13
N THR B 98 2.43 2.50 28.50
CA THR B 98 2.46 3.94 28.26
C THR B 98 2.35 4.22 26.76
N PHE B 99 2.99 3.39 25.94
CA PHE B 99 2.92 3.62 24.51
C PHE B 99 1.48 3.51 24.01
N ARG B 100 0.85 2.36 24.24
CA ARG B 100 -0.46 2.10 23.65
C ARG B 100 -1.58 2.88 24.32
N ASN B 101 -1.45 3.19 25.62
CA ASN B 101 -2.52 3.87 26.32
C ASN B 101 -2.39 5.38 26.28
N GLU B 102 -1.17 5.91 26.14
CA GLU B 102 -0.91 7.34 26.25
C GLU B 102 -0.25 7.95 25.02
N ILE B 103 0.90 7.40 24.59
CA ILE B 103 1.71 8.09 23.60
C ILE B 103 1.01 8.15 22.24
N ILE B 104 0.34 7.05 21.83
CA ILE B 104 -0.30 7.06 20.52
C ILE B 104 -1.62 7.83 20.52
N GLU B 105 -2.11 8.24 21.69
CA GLU B 105 -3.36 8.99 21.79
C GLU B 105 -3.12 10.49 21.92
N SER B 106 -2.15 11.00 21.18
CA SER B 106 -1.90 12.43 21.13
C SER B 106 -2.85 13.06 20.14
N ASP B 107 -3.67 14.01 20.60
CA ASP B 107 -4.54 14.75 19.69
C ASP B 107 -3.74 15.57 18.70
N LEU B 108 -2.56 16.07 19.09
CA LEU B 108 -1.75 16.86 18.17
C LEU B 108 -1.22 16.02 17.03
N MET B 109 -0.77 14.80 17.31
CA MET B 109 -0.32 13.89 16.25
C MET B 109 -1.42 13.67 15.20
N HIS B 110 -2.63 13.37 15.66
CA HIS B 110 -3.73 13.14 14.74
C HIS B 110 -4.17 14.41 14.03
N GLU B 111 -4.09 15.56 14.71
CA GLU B 111 -4.45 16.80 14.02
C GLU B 111 -3.45 17.09 12.92
N LEU B 112 -2.16 16.84 13.18
CA LEU B 112 -1.14 16.98 12.14
C LEU B 112 -1.32 15.91 11.05
N CYS B 113 -1.50 14.65 11.43
CA CYS B 113 -1.78 13.61 10.43
C CYS B 113 -3.00 13.96 9.56
N ASP B 114 -4.01 14.58 10.17
CA ASP B 114 -5.21 14.92 9.43
C ASP B 114 -4.96 15.99 8.38
N ARG B 115 -4.06 16.94 8.66
CA ARG B 115 -3.74 17.98 7.68
C ARG B 115 -2.83 17.46 6.57
N VAL B 116 -2.01 16.45 6.85
CA VAL B 116 -1.13 15.90 5.83
C VAL B 116 -1.89 14.97 4.88
N PHE B 117 -2.78 14.13 5.41
CA PHE B 117 -3.29 12.94 4.70
C PHE B 117 -4.79 12.95 4.44
N SER B 118 -5.60 13.49 5.35
CA SER B 118 -7.05 13.29 5.29
C SER B 118 -7.68 14.22 4.25
N LYS B 119 -8.68 13.70 3.54
CA LYS B 119 -9.56 14.44 2.66
C LYS B 119 -10.95 14.54 3.30
N PRO B 120 -11.66 15.65 3.10
CA PRO B 120 -12.95 15.82 3.79
C PRO B 120 -13.96 14.76 3.35
N GLY B 121 -14.70 14.23 4.32
CA GLY B 121 -15.73 13.24 4.06
C GLY B 121 -15.24 11.83 3.81
N GLU B 122 -14.01 11.48 4.18
CA GLU B 122 -13.44 10.15 3.93
C GLU B 122 -12.77 9.58 5.16
N GLY B 123 -13.03 10.15 6.34
CA GLY B 123 -12.45 9.67 7.57
C GLY B 123 -10.95 9.89 7.61
N MET B 124 -10.31 9.16 8.53
CA MET B 124 -8.86 9.18 8.60
C MET B 124 -8.27 8.66 7.30
N GLY B 125 -7.36 9.43 6.72
CA GLY B 125 -6.71 9.00 5.50
C GLY B 125 -5.32 8.47 5.72
N TYR B 126 -5.02 8.01 6.94
CA TYR B 126 -3.68 7.61 7.35
C TYR B 126 -3.77 6.43 8.31
N HIS B 127 -2.66 5.70 8.45
CA HIS B 127 -2.54 4.61 9.42
C HIS B 127 -1.04 4.37 9.67
N PHE B 128 -0.72 3.49 10.60
CA PHE B 128 0.67 3.28 10.99
C PHE B 128 1.39 2.43 9.97
N ASN B 129 2.59 2.89 9.59
CA ASN B 129 3.57 2.06 8.90
C ASN B 129 4.35 1.18 9.89
N ASP B 130 4.87 1.79 10.97
CA ASP B 130 5.75 1.12 11.90
C ASP B 130 5.74 1.89 13.23
N ASN B 131 6.17 1.20 14.30
CA ASN B 131 6.45 1.80 15.60
C ASN B 131 7.82 1.29 16.02
N MET B 132 8.89 2.07 15.85
CA MET B 132 10.23 1.51 15.99
C MET B 132 11.05 2.27 17.02
N VAL B 133 11.56 1.55 18.03
CA VAL B 133 12.64 2.05 18.86
C VAL B 133 13.94 1.84 18.10
N ILE B 134 14.66 2.94 17.84
CA ILE B 134 15.94 2.89 17.14
C ILE B 134 16.99 3.41 18.11
N GLU B 135 17.86 2.52 18.60
CA GLU B 135 18.91 2.86 19.55
C GLU B 135 20.26 2.75 18.87
N VAL B 136 20.89 3.89 18.57
CA VAL B 136 22.19 3.93 17.91
C VAL B 136 23.29 3.67 18.92
N GLN B 137 24.07 2.60 18.70
CA GLN B 137 25.08 2.16 19.65
C GLN B 137 26.38 2.93 19.46
N PRO B 138 27.22 2.99 20.49
CA PRO B 138 28.53 3.65 20.36
C PRO B 138 29.37 3.06 19.24
N GLY B 139 29.86 3.93 18.37
CA GLY B 139 30.68 3.50 17.25
C GLY B 139 29.96 3.34 15.93
N ALA B 140 28.64 3.47 15.90
CA ALA B 140 27.88 3.15 14.70
C ALA B 140 28.26 4.07 13.55
N PRO B 141 28.51 3.53 12.35
CA PRO B 141 28.68 4.39 11.18
C PRO B 141 27.45 5.24 10.91
N ALA B 142 27.67 6.35 10.22
CA ALA B 142 26.57 7.13 9.68
C ALA B 142 25.80 6.31 8.65
N GLN B 143 24.50 6.59 8.56
CA GLN B 143 23.66 5.93 7.56
C GLN B 143 23.63 6.75 6.28
N ARG B 144 23.25 6.11 5.20
CA ARG B 144 23.18 6.82 3.92
C ARG B 144 22.11 7.90 3.98
N LEU B 145 22.37 8.98 3.25
CA LEU B 145 21.33 9.97 2.99
C LEU B 145 20.21 9.34 2.18
N HIS B 146 18.97 9.56 2.62
CA HIS B 146 17.85 9.00 1.89
C HIS B 146 16.58 9.76 2.21
N ARG B 147 15.54 9.50 1.41
CA ARG B 147 14.17 9.87 1.69
C ARG B 147 13.42 8.64 2.20
N ASP B 148 12.61 8.82 3.24
CA ASP B 148 11.86 7.67 3.78
C ASP B 148 10.90 7.09 2.75
N GLN B 149 10.41 7.92 1.83
CA GLN B 149 9.46 7.43 0.83
C GLN B 149 10.13 6.58 -0.27
N GLU B 150 11.44 6.32 -0.20
CA GLU B 150 12.07 5.35 -1.10
C GLU B 150 11.61 3.92 -0.80
N LEU B 151 10.94 3.69 0.34
CA LEU B 151 10.35 2.39 0.63
C LEU B 151 9.20 2.09 -0.31
N TYR B 152 8.58 3.12 -0.87
CA TYR B 152 7.53 2.99 -1.88
C TYR B 152 8.16 3.45 -3.20
N PRO B 153 8.81 2.55 -3.94
CA PRO B 153 9.92 2.98 -4.82
C PRO B 153 9.52 3.87 -6.01
N TRP B 154 8.25 3.92 -6.40
CA TRP B 154 7.82 4.79 -7.49
C TRP B 154 7.62 6.23 -7.07
N TRP B 155 7.57 6.50 -5.76
CA TRP B 155 7.12 7.81 -5.29
C TRP B 155 8.06 8.92 -5.76
N ASN B 156 9.37 8.69 -5.71
CA ASN B 156 10.31 9.72 -6.12
C ASN B 156 10.03 10.19 -7.54
N SER B 157 9.53 9.30 -8.39
CA SER B 157 9.30 9.69 -9.78
C SER B 157 8.21 10.74 -9.91
N MET B 158 7.41 10.95 -8.87
CA MET B 158 6.36 11.95 -8.95
C MET B 158 6.82 13.35 -8.58
N GLY B 159 7.99 13.49 -7.93
CA GLY B 159 8.56 14.78 -7.64
C GLY B 159 7.88 15.50 -6.49
N PRO B 160 8.20 16.79 -6.31
CA PRO B 160 7.59 17.57 -5.22
C PRO B 160 6.13 17.88 -5.47
N ALA B 161 5.67 17.75 -6.71
CA ALA B 161 4.24 17.86 -7.02
C ALA B 161 3.48 16.62 -6.58
N GLY B 162 4.15 15.51 -6.32
CA GLY B 162 3.51 14.33 -5.81
C GLY B 162 2.86 14.58 -4.46
N PRO B 163 1.95 13.71 -4.05
CA PRO B 163 1.35 13.84 -2.72
C PRO B 163 2.24 13.23 -1.65
N GLU B 164 1.84 13.42 -0.39
CA GLU B 164 2.64 12.88 0.70
C GLU B 164 2.45 11.39 0.82
N CYS B 165 3.57 10.68 1.00
CA CYS B 165 3.62 9.23 1.12
C CYS B 165 3.61 8.80 2.59
N VAL B 166 4.66 9.18 3.33
CA VAL B 166 4.88 8.81 4.71
C VAL B 166 5.36 10.04 5.47
N ILE B 167 5.02 10.12 6.75
CA ILE B 167 5.64 11.07 7.67
C ILE B 167 6.06 10.27 8.90
N ASN B 168 7.11 10.73 9.57
CA ASN B 168 7.56 10.09 10.80
C ASN B 168 7.58 11.14 11.90
N PHE B 169 7.01 10.80 13.06
CA PHE B 169 7.23 11.56 14.29
C PHE B 169 8.41 10.89 15.00
N PHE B 170 9.60 11.43 14.80
CA PHE B 170 10.83 10.82 15.31
C PHE B 170 11.12 11.42 16.68
N CYS B 171 10.84 10.67 17.75
CA CYS B 171 10.89 11.16 19.13
C CYS B 171 12.18 10.77 19.84
N ALA B 172 12.77 11.71 20.57
CA ALA B 172 13.95 11.40 21.35
C ALA B 172 13.53 10.75 22.66
N VAL B 173 14.02 9.54 22.90
CA VAL B 173 13.82 8.89 24.18
C VAL B 173 14.98 9.18 25.13
N THR B 174 16.18 9.29 24.60
CA THR B 174 17.34 9.83 25.28
C THR B 174 17.81 11.02 24.47
N PRO B 175 18.64 11.91 25.03
CA PRO B 175 19.03 13.11 24.28
C PRO B 175 19.67 12.76 22.95
N PHE B 176 19.45 13.65 21.98
CA PHE B 176 20.14 13.64 20.69
C PHE B 176 21.20 14.73 20.71
N THR B 177 22.46 14.33 20.54
CA THR B 177 23.53 15.31 20.48
C THR B 177 24.21 15.21 19.13
N GLU B 178 24.98 16.24 18.81
CA GLU B 178 25.74 16.21 17.57
C GLU B 178 26.71 15.03 17.55
N GLU B 179 27.07 14.51 18.72
CA GLU B 179 28.13 13.52 18.84
C GLU B 179 27.61 12.09 19.00
N ASN B 180 26.32 11.88 19.30
CA ASN B 180 25.84 10.54 19.58
C ASN B 180 24.96 9.97 18.47
N GLY B 181 25.01 10.54 17.28
CA GLY B 181 24.25 10.02 16.16
C GLY B 181 22.90 10.64 15.91
N ALA B 182 22.72 11.92 16.22
CA ALA B 182 21.49 12.62 15.89
C ALA B 182 21.30 12.67 14.37
N THR B 183 20.04 12.62 13.95
CA THR B 183 19.73 12.66 12.52
C THR B 183 20.22 13.96 11.89
N ARG B 184 20.75 13.86 10.68
CA ARG B 184 21.12 15.03 9.88
C ARG B 184 20.05 15.26 8.83
N LEU B 185 19.31 16.35 8.95
CA LEU B 185 18.19 16.66 8.09
C LEU B 185 18.62 17.62 7.00
N VAL B 186 18.02 17.49 5.83
CA VAL B 186 18.17 18.51 4.80
C VAL B 186 16.83 19.24 4.63
N PRO B 187 16.58 20.31 5.40
CA PRO B 187 15.35 21.08 5.19
C PRO B 187 15.25 21.60 3.76
N GLY B 188 14.03 21.66 3.25
CA GLY B 188 13.80 22.11 1.90
C GLY B 188 14.07 21.11 0.81
N SER B 189 14.66 19.95 1.11
CA SER B 189 14.91 18.92 0.09
C SER B 189 13.62 18.32 -0.45
N HIS B 190 12.48 18.54 0.22
CA HIS B 190 11.17 18.14 -0.27
C HIS B 190 10.69 19.02 -1.42
N LEU B 191 11.43 20.08 -1.76
CA LEU B 191 11.06 20.97 -2.85
C LEU B 191 12.04 20.94 -4.02
N TRP B 192 13.14 20.18 -3.93
CA TRP B 192 14.05 20.06 -5.06
C TRP B 192 13.27 19.55 -6.27
N PRO B 193 13.67 19.97 -7.47
CA PRO B 193 12.83 19.72 -8.64
C PRO B 193 12.81 18.27 -9.08
N GLU B 194 13.87 17.50 -8.84
CA GLU B 194 13.89 16.08 -9.18
C GLU B 194 14.31 15.29 -7.96
N PHE B 195 13.54 14.26 -7.62
CA PHE B 195 13.83 13.35 -6.51
C PHE B 195 14.61 12.15 -7.05
N THR B 196 15.88 12.07 -6.72
CA THR B 196 16.72 10.96 -7.15
C THR B 196 17.24 10.25 -5.92
N GLN B 197 17.84 9.08 -6.14
CA GLN B 197 18.67 8.46 -5.12
C GLN B 197 19.84 9.39 -4.80
N ILE B 198 20.25 9.38 -3.54
CA ILE B 198 21.28 10.30 -3.05
C ILE B 198 22.58 9.51 -3.03
N ASN B 199 23.27 9.49 -4.19
CA ASN B 199 24.55 8.84 -4.32
C ASN B 199 25.34 9.51 -5.45
N GLU B 200 26.62 9.16 -5.53
CA GLU B 200 27.52 9.77 -6.51
C GLU B 200 27.01 9.61 -7.94
N ARG B 201 26.45 8.45 -8.27
CA ARG B 201 26.01 8.20 -9.64
C ARG B 201 24.80 9.06 -10.00
N ASP B 202 23.80 9.12 -9.10
CA ASP B 202 22.48 9.63 -9.45
C ASP B 202 22.22 11.08 -9.03
N CYS B 203 22.91 11.59 -8.00
CA CYS B 203 22.61 12.91 -7.47
C CYS B 203 23.68 13.90 -7.90
N PRO B 204 23.34 14.92 -8.71
CA PRO B 204 24.35 15.93 -9.06
C PRO B 204 24.87 16.69 -7.86
N GLN B 205 24.05 16.88 -6.83
CA GLN B 205 24.47 17.62 -5.65
C GLN B 205 25.28 16.79 -4.66
N PHE B 206 25.59 15.53 -4.98
CA PHE B 206 26.24 14.64 -4.03
C PHE B 206 27.58 15.20 -3.56
N GLY B 207 27.75 15.32 -2.25
CA GLY B 207 28.93 15.90 -1.66
C GLY B 207 28.80 17.36 -1.29
N LYS B 208 27.79 18.05 -1.83
CA LYS B 208 27.54 19.46 -1.58
C LYS B 208 26.13 19.68 -1.02
N ILE B 209 25.69 18.76 -0.16
CA ILE B 209 24.33 18.71 0.36
C ILE B 209 24.35 19.17 1.81
N GLU B 210 23.64 20.26 2.09
CA GLU B 210 23.69 20.88 3.40
C GLU B 210 22.72 20.21 4.38
N THR B 211 23.23 19.77 5.52
CA THR B 211 22.39 19.15 6.53
C THR B 211 22.42 19.95 7.83
N VAL B 212 21.56 19.55 8.76
CA VAL B 212 21.41 20.11 10.10
C VAL B 212 21.18 18.99 11.09
N PRO B 213 21.81 18.98 12.25
CA PRO B 213 21.48 17.96 13.25
C PRO B 213 20.16 18.29 13.94
N ALA B 214 19.39 17.24 14.24
CA ALA B 214 18.22 17.36 15.10
C ALA B 214 18.66 17.14 16.54
N ILE B 215 18.86 18.24 17.28
CA ILE B 215 19.28 18.20 18.68
C ILE B 215 18.05 18.23 19.56
N MET B 216 17.90 17.26 20.44
CA MET B 216 16.63 17.10 21.11
C MET B 216 16.84 16.53 22.51
N GLN B 217 15.87 16.81 23.37
CA GLN B 217 15.79 16.30 24.73
C GLN B 217 14.74 15.20 24.82
N PRO B 218 14.79 14.36 25.84
CA PRO B 218 13.77 13.30 25.96
C PRO B 218 12.35 13.84 25.94
N GLY B 219 11.54 13.40 24.97
CA GLY B 219 10.18 13.86 24.79
C GLY B 219 9.99 14.74 23.57
N ASP B 220 11.02 15.48 23.17
CA ASP B 220 10.97 16.21 21.92
C ASP B 220 10.78 15.23 20.77
N CYS B 221 10.26 15.73 19.65
CA CYS B 221 10.28 14.95 18.44
C CYS B 221 10.51 15.91 17.28
N TYR B 222 10.83 15.37 16.11
CA TYR B 222 10.66 16.11 14.88
C TYR B 222 9.68 15.38 13.98
N LEU B 223 8.77 16.14 13.39
CA LEU B 223 7.88 15.65 12.35
C LEU B 223 8.59 15.86 11.02
N MET B 224 8.75 14.78 10.25
CA MET B 224 9.52 14.87 9.02
C MET B 224 8.76 14.27 7.86
N SER B 225 8.78 14.98 6.74
CA SER B 225 8.16 14.52 5.52
C SER B 225 8.96 13.39 4.88
N GLY B 226 8.26 12.43 4.31
CA GLY B 226 8.92 11.38 3.57
C GLY B 226 9.75 11.87 2.40
N LYS B 227 9.55 13.12 1.97
CA LYS B 227 10.30 13.70 0.86
C LYS B 227 11.63 14.33 1.26
N VAL B 228 11.98 14.32 2.54
CA VAL B 228 13.15 15.04 3.05
C VAL B 228 14.33 14.08 3.15
N ILE B 229 15.47 14.48 2.58
CA ILE B 229 16.71 13.72 2.70
C ILE B 229 17.24 13.82 4.12
N HIS B 230 17.68 12.69 4.67
CA HIS B 230 18.19 12.65 6.03
C HIS B 230 19.04 11.40 6.18
N GLY B 231 19.71 11.30 7.33
CA GLY B 231 20.47 10.12 7.68
C GLY B 231 20.99 10.21 9.10
N ALA B 232 21.01 9.10 9.83
CA ALA B 232 21.61 9.15 11.17
C ALA B 232 23.09 9.47 11.05
N GLY B 233 23.59 10.25 12.01
CA GLY B 233 25.01 10.51 12.07
C GLY B 233 25.78 9.41 12.77
N HIS B 234 27.10 9.55 12.75
CA HIS B 234 27.98 8.61 13.42
C HIS B 234 27.95 8.84 14.93
N ASN B 235 27.78 7.77 15.70
CA ASN B 235 27.86 7.83 17.16
C ASN B 235 29.33 7.74 17.54
N ALA B 236 29.96 8.90 17.74
CA ALA B 236 31.36 8.98 18.10
C ALA B 236 31.62 8.72 19.57
N THR B 237 30.58 8.53 20.39
CA THR B 237 30.78 8.39 21.82
C THR B 237 31.24 6.97 22.15
N THR B 238 31.48 6.74 23.43
CA THR B 238 31.91 5.44 23.92
C THR B 238 30.87 4.76 24.79
N THR B 239 29.90 5.51 25.31
CA THR B 239 28.86 4.93 26.16
C THR B 239 27.43 5.42 25.88
N ASP B 240 27.25 6.48 25.09
CA ASP B 240 25.92 7.08 24.89
C ASP B 240 25.15 6.28 23.86
N ARG B 241 24.12 5.57 24.31
CA ARG B 241 23.20 4.84 23.44
C ARG B 241 22.02 5.75 23.14
N ARG B 242 21.92 6.21 21.90
CA ARG B 242 20.96 7.23 21.51
C ARG B 242 19.65 6.55 21.11
N ARG B 243 18.69 6.54 22.03
CA ARG B 243 17.41 5.85 21.83
C ARG B 243 16.38 6.80 21.24
N ALA B 244 15.69 6.35 20.19
CA ALA B 244 14.63 7.12 19.55
C ALA B 244 13.39 6.24 19.38
N LEU B 245 12.24 6.91 19.18
CA LEU B 245 10.98 6.24 18.87
C LEU B 245 10.42 6.87 17.60
N ALA B 246 10.37 6.09 16.52
CA ALA B 246 9.88 6.55 15.23
C ALA B 246 8.44 6.07 15.03
N LEU B 247 7.51 7.02 14.93
CA LEU B 247 6.11 6.74 14.63
C LEU B 247 5.91 7.11 13.16
N ALA B 248 5.89 6.09 12.31
CA ALA B 248 5.79 6.24 10.87
C ALA B 248 4.33 6.07 10.46
N ILE B 249 3.82 7.03 9.69
CA ILE B 249 2.40 7.11 9.35
C ILE B 249 2.29 7.28 7.84
N ILE B 250 1.47 6.45 7.19
CA ILE B 250 1.36 6.38 5.73
C ILE B 250 -0.10 6.63 5.34
N ARG B 251 -0.31 6.89 4.04
CA ARG B 251 -1.65 6.93 3.50
C ARG B 251 -2.36 5.60 3.74
N ARG B 252 -3.69 5.64 3.72
CA ARG B 252 -4.48 4.44 3.97
CA ARG B 252 -4.47 4.42 3.98
C ARG B 252 -4.37 3.43 2.83
N GLU B 253 -4.02 3.88 1.63
CA GLU B 253 -3.86 3.05 0.43
C GLU B 253 -2.57 2.27 0.40
N LEU B 254 -1.68 2.50 1.36
CA LEU B 254 -0.34 1.92 1.35
C LEU B 254 -0.24 0.80 2.37
N ARG B 255 0.67 -0.13 2.10
CA ARG B 255 0.89 -1.33 2.90
C ARG B 255 1.79 -1.00 4.09
N PRO B 256 1.40 -1.37 5.30
CA PRO B 256 2.30 -1.21 6.45
C PRO B 256 3.46 -2.19 6.40
N MET B 257 4.57 -1.79 7.04
CA MET B 257 5.74 -2.65 7.16
C MET B 257 5.58 -3.70 8.23
N GLN B 258 4.68 -3.47 9.20
CA GLN B 258 4.34 -4.43 10.24
C GLN B 258 2.91 -4.91 10.06
N ALA B 259 2.72 -6.21 10.22
CA ALA B 259 1.38 -6.81 10.24
C ALA B 259 0.77 -6.70 11.63
N PHE B 260 0.57 -5.45 12.08
CA PHE B 260 0.18 -5.18 13.46
C PHE B 260 -1.12 -5.89 13.86
N SER B 261 -2.08 -6.04 12.93
CA SER B 261 -3.34 -6.69 13.27
C SER B 261 -3.23 -8.21 13.42
N LEU B 262 -2.11 -8.81 13.01
CA LEU B 262 -1.91 -10.24 13.23
C LEU B 262 -0.97 -10.54 14.41
N SER B 263 -0.20 -9.57 14.87
CA SER B 263 0.76 -9.79 15.95
C SER B 263 0.36 -9.15 17.27
N VAL B 264 -0.38 -8.05 17.24
CA VAL B 264 -0.87 -7.42 18.47
C VAL B 264 -2.04 -8.25 18.98
N PRO B 265 -1.98 -8.70 20.22
CA PRO B 265 -3.08 -9.49 20.78
C PRO B 265 -4.40 -8.73 20.70
N MET B 266 -5.47 -9.46 20.37
CA MET B 266 -6.82 -8.89 20.44
C MET B 266 -7.11 -8.28 21.80
N LYS B 267 -6.53 -8.82 22.89
CA LYS B 267 -6.76 -8.24 24.22
C LYS B 267 -6.37 -6.77 24.25
N LEU B 268 -5.27 -6.40 23.58
CA LEU B 268 -4.84 -5.02 23.54
C LEU B 268 -5.65 -4.20 22.56
N ALA B 269 -6.12 -4.83 21.48
CA ALA B 269 -6.94 -4.15 20.49
C ALA B 269 -8.26 -3.68 21.10
N ARG B 270 -8.85 -4.48 21.99
CA ARG B 270 -10.12 -4.11 22.61
C ARG B 270 -9.99 -2.94 23.56
N GLU B 271 -8.78 -2.64 24.03
CA GLU B 271 -8.54 -1.51 24.90
C GLU B 271 -8.18 -0.24 24.14
N MET B 272 -8.04 -0.31 22.80
CA MET B 272 -7.75 0.86 21.99
C MET B 272 -9.01 1.66 21.67
N SER B 273 -8.84 2.97 21.52
CA SER B 273 -9.92 3.76 20.99
C SER B 273 -10.20 3.33 19.56
N GLU B 274 -11.31 3.83 19.00
CA GLU B 274 -11.62 3.52 17.61
C GLU B 274 -10.51 4.01 16.69
N ARG B 275 -10.00 5.22 16.94
CA ARG B 275 -9.01 5.78 16.01
C ARG B 275 -7.70 5.02 16.05
N SER B 276 -7.33 4.44 17.19
CA SER B 276 -6.11 3.63 17.25
C SER B 276 -6.32 2.24 16.68
N GLN B 277 -7.51 1.66 16.85
CA GLN B 277 -7.87 0.47 16.11
C GLN B 277 -7.69 0.71 14.62
N THR B 278 -8.08 1.89 14.14
CA THR B 278 -7.91 2.20 12.72
C THR B 278 -6.43 2.32 12.34
N MET B 279 -5.60 2.87 13.24
CA MET B 279 -4.17 3.01 12.97
C MET B 279 -3.49 1.66 12.82
N PHE B 280 -4.01 0.64 13.47
CA PHE B 280 -3.38 -0.68 13.47
C PHE B 280 -4.09 -1.71 12.59
N GLY B 281 -5.15 -1.31 11.90
CA GLY B 281 -5.83 -2.21 10.98
C GLY B 281 -6.84 -3.15 11.60
N PHE B 282 -7.20 -2.93 12.88
CA PHE B 282 -8.30 -3.63 13.52
C PHE B 282 -9.67 -3.05 13.14
N ARG B 283 -9.68 -1.93 12.43
CA ARG B 283 -10.87 -1.23 11.98
C ARG B 283 -10.61 -0.72 10.58
N SER B 284 -11.64 -0.72 9.73
CA SER B 284 -11.48 -0.30 8.33
C SER B 284 -11.48 1.21 8.14
N HIS B 295 -13.16 1.79 0.13
CA HIS B 295 -13.17 1.07 1.40
C HIS B 295 -12.04 0.03 1.45
N PHE B 296 -10.85 0.49 1.84
CA PHE B 296 -9.67 -0.35 1.99
C PHE B 296 -9.71 -1.16 3.27
N TRP B 297 -9.10 -2.34 3.21
CA TRP B 297 -8.94 -3.20 4.38
C TRP B 297 -10.29 -3.52 5.01
N GLY B 298 -11.27 -3.83 4.17
CA GLY B 298 -12.62 -4.13 4.58
C GLY B 298 -12.91 -5.61 4.62
N ASN B 299 -14.21 -5.94 4.70
CA ASN B 299 -14.65 -7.32 4.89
C ASN B 299 -15.95 -7.58 4.12
N ASP B 300 -15.82 -7.66 2.79
CA ASP B 300 -16.93 -7.96 1.90
C ASP B 300 -18.06 -6.94 2.04
N GLY B 301 -17.68 -5.66 2.07
CA GLY B 301 -18.63 -4.58 2.18
C GLY B 301 -18.90 -4.07 3.59
N LYS B 302 -18.33 -4.71 4.61
CA LYS B 302 -18.54 -4.28 5.98
C LYS B 302 -17.19 -4.02 6.64
N ASP B 303 -17.23 -3.22 7.70
CA ASP B 303 -16.04 -3.00 8.53
C ASP B 303 -15.52 -4.33 9.07
N ILE B 304 -14.20 -4.51 9.01
CA ILE B 304 -13.59 -5.72 9.57
C ILE B 304 -13.78 -5.77 11.08
N ALA B 305 -14.02 -4.62 11.72
CA ALA B 305 -14.21 -4.59 13.16
C ALA B 305 -15.45 -5.37 13.61
N HIS B 306 -16.44 -5.53 12.73
CA HIS B 306 -17.60 -6.34 13.06
C HIS B 306 -17.19 -7.78 13.31
N HIS B 307 -16.55 -8.39 12.30
CA HIS B 307 -16.11 -9.78 12.42
C HIS B 307 -15.18 -9.98 13.61
N LEU B 308 -14.28 -9.02 13.86
CA LEU B 308 -13.37 -9.11 15.00
C LEU B 308 -14.07 -8.85 16.32
N GLY B 309 -15.35 -8.46 16.29
CA GLY B 309 -16.09 -8.26 17.52
C GLY B 309 -15.78 -6.98 18.23
N LEU B 310 -15.40 -5.94 17.51
CA LEU B 310 -14.96 -4.70 18.14
C LEU B 310 -16.01 -3.60 18.06
N ILE B 311 -17.13 -3.84 17.41
CA ILE B 311 -18.20 -2.87 17.27
C ILE B 311 -19.35 -3.29 18.19
N SER B 312 -19.86 -2.33 18.96
CA SER B 312 -20.97 -2.58 19.89
C SER B 312 -22.22 -1.79 19.51
#